data_1Y6O
#
_entry.id   1Y6O
#
_cell.length_a   38.534
_cell.length_b   85.921
_cell.length_c   38.554
_cell.angle_alpha   90.00
_cell.angle_beta   94.76
_cell.angle_gamma   90.00
#
_symmetry.space_group_name_H-M   'P 1 21 1'
#
loop_
_entity.id
_entity.type
_entity.pdbx_description
1 polymer 'Phospholipase A2, major isoenzyme'
2 non-polymer 'CALCIUM ION'
3 non-polymer 'PHOSPHATE ION'
4 non-polymer '1-HEXADECYL-3-TRIFLUOROETHYL-SN-GLYCERO-2-PHOSPHATE METHANE'
5 water water
#
_entity_poly.entity_id   1
_entity_poly.type   'polypeptide(L)'
_entity_poly.pdbx_seq_one_letter_code
;ALWQFRSLIKCAIPGSHPLLDFNNYGCYCGLGGSGTPVDELDRCCETHDCCYRDAKNLDSCKFLVDNPYTESYSYSCSNT
EITCNSKNNACEAFICNCDRNAAICFSKAPYNKEHKNLDTKKYCKGESDKC
;
_entity_poly.pdbx_strand_id   A,B
#
# COMPACT_ATOMS: atom_id res chain seq x y z
N ALA A 1 7.87 -1.30 -8.02
CA ALA A 1 7.59 -1.21 -6.56
C ALA A 1 6.45 -0.23 -6.28
N LEU A 2 5.81 -0.38 -5.13
CA LEU A 2 4.69 0.50 -4.77
C LEU A 2 5.00 1.99 -4.79
N TRP A 3 6.17 2.38 -4.30
CA TRP A 3 6.51 3.81 -4.30
C TRP A 3 6.65 4.32 -5.73
N GLN A 4 7.05 3.42 -6.64
CA GLN A 4 7.22 3.78 -8.04
C GLN A 4 5.87 3.93 -8.72
N PHE A 5 4.90 3.08 -8.34
CA PHE A 5 3.58 3.16 -8.93
C PHE A 5 2.98 4.50 -8.54
N ARG A 6 3.17 4.89 -7.28
CA ARG A 6 2.65 6.17 -6.80
C ARG A 6 3.30 7.30 -7.61
N SER A 7 4.58 7.13 -7.89
CA SER A 7 5.34 8.11 -8.65
C SER A 7 4.85 8.16 -10.11
N LEU A 8 4.54 6.99 -10.68
CA LEU A 8 4.06 6.97 -12.06
C LEU A 8 2.72 7.70 -12.16
N ILE A 9 1.85 7.49 -11.18
CA ILE A 9 0.55 8.14 -11.16
C ILE A 9 0.72 9.65 -11.08
N LYS A 10 1.66 10.11 -10.27
CA LYS A 10 1.90 11.54 -10.13
C LYS A 10 2.50 12.10 -11.41
N CYS A 11 3.20 11.27 -12.16
CA CYS A 11 3.78 11.71 -13.42
C CYS A 11 2.64 11.98 -14.39
N ALA A 12 1.81 10.97 -14.59
CA ALA A 12 0.65 11.07 -15.47
C ALA A 12 -0.38 12.10 -15.00
N ILE A 13 -0.55 12.22 -13.69
CA ILE A 13 -1.52 13.15 -13.15
C ILE A 13 -0.92 14.14 -12.15
N PRO A 14 -0.42 15.28 -12.65
CA PRO A 14 0.17 16.29 -11.77
C PRO A 14 -0.83 16.74 -10.72
N GLY A 15 -0.39 16.84 -9.48
CA GLY A 15 -1.28 17.28 -8.44
C GLY A 15 -2.07 16.19 -7.74
N SER A 16 -1.97 14.97 -8.24
CA SER A 16 -2.69 13.85 -7.62
C SER A 16 -2.00 13.41 -6.35
N HIS A 17 -2.77 12.73 -5.50
CA HIS A 17 -2.30 12.16 -4.24
C HIS A 17 -2.84 10.75 -4.33
N PRO A 18 -2.09 9.87 -5.02
CA PRO A 18 -2.39 8.46 -5.27
C PRO A 18 -3.03 7.63 -4.17
N LEU A 19 -2.45 7.63 -2.97
CA LEU A 19 -3.02 6.84 -1.89
C LEU A 19 -4.39 7.38 -1.48
N LEU A 20 -4.51 8.71 -1.43
CA LEU A 20 -5.77 9.33 -1.06
C LEU A 20 -6.80 9.22 -2.18
N ASP A 21 -6.38 9.52 -3.42
CA ASP A 21 -7.27 9.51 -4.57
C ASP A 21 -7.68 8.17 -5.16
N PHE A 22 -6.75 7.24 -5.29
CA PHE A 22 -7.06 5.97 -5.93
C PHE A 22 -7.15 4.74 -5.03
N ASN A 23 -6.38 4.68 -3.96
CA ASN A 23 -6.47 3.52 -3.08
C ASN A 23 -7.88 3.52 -2.48
N ASN A 24 -8.46 2.34 -2.33
CA ASN A 24 -9.80 2.21 -1.77
C ASN A 24 -10.83 3.05 -2.53
N TYR A 25 -10.87 2.83 -3.84
CA TYR A 25 -11.82 3.51 -4.71
C TYR A 25 -12.52 2.43 -5.51
N GLY A 26 -13.85 2.49 -5.55
CA GLY A 26 -14.60 1.50 -6.31
C GLY A 26 -14.42 0.08 -5.77
N CYS A 27 -14.58 -0.89 -6.67
CA CYS A 27 -14.46 -2.30 -6.29
C CYS A 27 -13.08 -2.91 -6.47
N TYR A 28 -12.25 -2.31 -7.32
CA TYR A 28 -10.94 -2.86 -7.58
C TYR A 28 -9.72 -2.01 -7.23
N CYS A 29 -9.91 -0.71 -7.04
CA CYS A 29 -8.77 0.14 -6.70
C CYS A 29 -8.42 -0.05 -5.23
N GLY A 30 -7.42 -0.88 -4.98
CA GLY A 30 -6.99 -1.17 -3.62
C GLY A 30 -6.63 -2.63 -3.54
N LEU A 31 -6.22 -3.11 -2.36
CA LEU A 31 -5.88 -4.52 -2.19
C LEU A 31 -7.07 -5.39 -2.52
N GLY A 32 -6.87 -6.37 -3.39
CA GLY A 32 -7.96 -7.25 -3.75
C GLY A 32 -8.91 -6.63 -4.75
N GLY A 33 -10.11 -7.20 -4.83
CA GLY A 33 -11.11 -6.69 -5.75
C GLY A 33 -12.14 -7.77 -6.01
N SER A 34 -13.35 -7.37 -6.40
CA SER A 34 -14.43 -8.30 -6.67
C SER A 34 -15.59 -7.51 -7.24
N GLY A 35 -16.65 -8.22 -7.62
CA GLY A 35 -17.81 -7.56 -8.18
C GLY A 35 -17.53 -6.96 -9.54
N THR A 36 -18.43 -6.10 -10.00
CA THR A 36 -18.30 -5.43 -11.28
C THR A 36 -17.77 -4.02 -11.08
N PRO A 37 -16.72 -3.63 -11.83
CA PRO A 37 -16.16 -2.28 -11.68
C PRO A 37 -17.29 -1.26 -11.80
N VAL A 38 -17.31 -0.27 -10.90
CA VAL A 38 -18.37 0.73 -10.90
C VAL A 38 -18.25 1.81 -11.97
N ASP A 39 -17.08 1.89 -12.61
CA ASP A 39 -16.89 2.88 -13.65
C ASP A 39 -15.57 2.69 -14.40
N GLU A 40 -15.32 3.58 -15.35
CA GLU A 40 -14.11 3.53 -16.17
C GLU A 40 -12.85 3.45 -15.30
N LEU A 41 -12.75 4.33 -14.32
CA LEU A 41 -11.59 4.35 -13.43
C LEU A 41 -11.46 3.01 -12.72
N ASP A 42 -12.57 2.47 -12.24
CA ASP A 42 -12.55 1.20 -11.54
C ASP A 42 -12.11 0.08 -12.49
N ARG A 43 -12.47 0.19 -13.76
CA ARG A 43 -12.07 -0.83 -14.73
C ARG A 43 -10.56 -0.77 -14.94
N CYS A 44 -10.00 0.42 -14.83
CA CYS A 44 -8.55 0.59 -14.96
C CYS A 44 -7.86 -0.25 -13.88
N CYS A 45 -8.41 -0.22 -12.67
CA CYS A 45 -7.85 -0.96 -11.55
C CYS A 45 -8.07 -2.46 -11.69
N GLU A 46 -9.20 -2.87 -12.26
CA GLU A 46 -9.46 -4.29 -12.46
C GLU A 46 -8.42 -4.82 -13.43
N THR A 47 -8.14 -4.03 -14.45
CA THR A 47 -7.17 -4.38 -15.49
C THR A 47 -5.78 -4.49 -14.87
N HIS A 48 -5.43 -3.57 -13.99
CA HIS A 48 -4.12 -3.60 -13.35
C HIS A 48 -4.01 -4.83 -12.45
N ASP A 49 -5.11 -5.18 -11.77
CA ASP A 49 -5.14 -6.36 -10.90
C ASP A 49 -4.82 -7.59 -11.75
N CYS A 50 -5.50 -7.70 -12.89
CA CYS A 50 -5.30 -8.81 -13.81
C CYS A 50 -3.85 -8.85 -14.29
N CYS A 51 -3.32 -7.66 -14.59
CA CYS A 51 -1.95 -7.56 -15.07
C CYS A 51 -0.98 -8.13 -14.02
N TYR A 52 -1.22 -7.82 -12.75
CA TYR A 52 -0.37 -8.35 -11.68
C TYR A 52 -0.56 -9.85 -11.53
N ARG A 53 -1.77 -10.34 -11.80
CA ARG A 53 -2.03 -11.77 -11.73
C ARG A 53 -1.14 -12.43 -12.79
N ASP A 54 -1.11 -11.83 -13.98
CA ASP A 54 -0.31 -12.34 -15.09
C ASP A 54 1.18 -12.25 -14.79
N ALA A 55 1.60 -11.16 -14.17
CA ALA A 55 3.00 -10.97 -13.82
C ALA A 55 3.51 -12.06 -12.90
N LYS A 56 2.69 -12.47 -11.94
CA LYS A 56 3.08 -13.51 -10.99
C LYS A 56 3.29 -14.85 -11.68
N ASN A 57 2.68 -15.03 -12.84
CA ASN A 57 2.81 -16.28 -13.59
C ASN A 57 3.88 -16.24 -14.66
N LEU A 58 4.56 -15.11 -14.80
CA LEU A 58 5.62 -14.96 -15.79
C LEU A 58 6.86 -15.72 -15.32
N ASP A 59 7.51 -16.43 -16.24
CA ASP A 59 8.71 -17.21 -15.92
C ASP A 59 9.75 -16.41 -15.15
N SER A 60 10.14 -15.26 -15.68
CA SER A 60 11.13 -14.41 -15.03
C SER A 60 10.68 -13.88 -13.67
N CYS A 61 9.40 -14.02 -13.37
CA CYS A 61 8.86 -13.55 -12.10
C CYS A 61 8.52 -14.68 -11.11
N LYS A 62 8.05 -15.81 -11.63
CA LYS A 62 7.63 -16.97 -10.84
C LYS A 62 8.08 -17.10 -9.38
N PHE A 63 9.37 -17.32 -9.15
CA PHE A 63 9.85 -17.49 -7.77
C PHE A 63 10.62 -16.30 -7.23
N LEU A 64 11.14 -15.47 -8.11
CA LEU A 64 11.89 -14.29 -7.70
C LEU A 64 10.95 -13.22 -7.15
N VAL A 65 9.78 -13.08 -7.76
CA VAL A 65 8.82 -12.06 -7.36
C VAL A 65 7.40 -12.60 -7.08
N ASP A 66 7.07 -12.76 -5.80
CA ASP A 66 5.76 -13.24 -5.40
C ASP A 66 4.76 -12.08 -5.30
N ASN A 67 5.28 -10.90 -4.98
CA ASN A 67 4.47 -9.70 -4.86
C ASN A 67 5.15 -8.57 -5.63
N PRO A 68 4.61 -8.25 -6.83
CA PRO A 68 5.12 -7.21 -7.72
C PRO A 68 5.38 -5.86 -7.04
N TYR A 69 4.74 -5.61 -5.91
CA TYR A 69 4.94 -4.34 -5.21
C TYR A 69 6.25 -4.24 -4.45
N THR A 70 7.04 -5.31 -4.50
CA THR A 70 8.33 -5.33 -3.84
C THR A 70 9.43 -5.31 -4.91
N GLU A 71 9.02 -5.48 -6.16
CA GLU A 71 9.95 -5.52 -7.27
C GLU A 71 10.16 -4.14 -7.90
N SER A 72 11.34 -3.59 -7.71
CA SER A 72 11.63 -2.26 -8.28
C SER A 72 11.98 -2.40 -9.76
N TYR A 73 11.71 -1.35 -10.53
CA TYR A 73 12.02 -1.33 -11.95
C TYR A 73 12.61 0.01 -12.35
N SER A 74 13.08 0.10 -13.58
CA SER A 74 13.66 1.34 -14.06
C SER A 74 12.69 2.08 -14.95
N TYR A 75 12.47 3.36 -14.64
CA TYR A 75 11.56 4.19 -15.41
C TYR A 75 12.01 5.66 -15.35
N SER A 76 11.40 6.49 -16.18
CA SER A 76 11.68 7.91 -16.18
C SER A 76 10.38 8.63 -16.45
N CYS A 77 10.31 9.88 -16.04
CA CYS A 77 9.12 10.70 -16.22
C CYS A 77 9.47 12.06 -16.81
N SER A 78 8.86 12.41 -17.92
CA SER A 78 9.12 13.70 -18.57
C SER A 78 7.84 14.27 -19.18
N ASN A 79 7.41 15.45 -18.71
CA ASN A 79 6.21 16.10 -19.23
C ASN A 79 5.00 15.16 -19.19
N THR A 80 4.80 14.51 -18.05
CA THR A 80 3.70 13.59 -17.83
C THR A 80 3.76 12.34 -18.71
N GLU A 81 4.92 12.09 -19.31
CA GLU A 81 5.13 10.92 -20.15
C GLU A 81 5.96 9.89 -19.37
N ILE A 82 5.47 8.67 -19.29
CA ILE A 82 6.15 7.61 -18.56
C ILE A 82 6.94 6.70 -19.50
N THR A 83 8.14 6.32 -19.08
CA THR A 83 8.98 5.43 -19.90
C THR A 83 9.57 4.32 -19.07
N CYS A 84 9.32 3.08 -19.48
CA CYS A 84 9.87 1.92 -18.80
C CYS A 84 11.18 1.62 -19.54
N ASN A 85 12.30 1.87 -18.86
CA ASN A 85 13.63 1.69 -19.44
C ASN A 85 13.99 0.29 -19.92
N SER A 86 14.63 0.23 -21.08
CA SER A 86 15.04 -1.04 -21.68
C SER A 86 15.90 -1.93 -20.79
N LYS A 87 16.62 -1.32 -19.84
CA LYS A 87 17.47 -2.09 -18.94
C LYS A 87 16.69 -3.08 -18.07
N ASN A 88 15.38 -2.87 -17.96
CA ASN A 88 14.52 -3.75 -17.17
C ASN A 88 14.57 -5.16 -17.73
N ASN A 89 14.61 -6.17 -16.85
CA ASN A 89 14.59 -7.54 -17.32
C ASN A 89 13.14 -7.89 -17.59
N ALA A 90 12.87 -9.08 -18.11
CA ALA A 90 11.52 -9.49 -18.45
C ALA A 90 10.50 -9.26 -17.33
N CYS A 91 10.83 -9.72 -16.13
CA CYS A 91 9.93 -9.56 -15.00
C CYS A 91 9.73 -8.10 -14.58
N GLU A 92 10.80 -7.32 -14.61
CA GLU A 92 10.71 -5.91 -14.22
C GLU A 92 9.97 -5.10 -15.27
N ALA A 93 10.20 -5.43 -16.54
CA ALA A 93 9.55 -4.72 -17.63
C ALA A 93 8.04 -4.93 -17.64
N PHE A 94 7.62 -6.18 -17.42
CA PHE A 94 6.19 -6.49 -17.40
C PHE A 94 5.48 -5.65 -16.33
N ILE A 95 6.04 -5.66 -15.11
CA ILE A 95 5.45 -4.92 -14.00
C ILE A 95 5.40 -3.42 -14.26
N CYS A 96 6.51 -2.85 -14.71
CA CYS A 96 6.56 -1.43 -15.01
C CYS A 96 5.43 -1.11 -15.98
N ASN A 97 5.29 -1.92 -17.02
CA ASN A 97 4.23 -1.68 -17.99
C ASN A 97 2.84 -1.73 -17.37
N CYS A 98 2.61 -2.69 -16.48
CA CYS A 98 1.31 -2.79 -15.83
C CYS A 98 0.99 -1.46 -15.15
N ASP A 99 1.96 -0.94 -14.39
CA ASP A 99 1.82 0.32 -13.68
C ASP A 99 1.65 1.49 -14.63
N ARG A 100 2.47 1.53 -15.67
CA ARG A 100 2.41 2.60 -16.66
C ARG A 100 1.04 2.68 -17.32
N ASN A 101 0.53 1.54 -17.76
CA ASN A 101 -0.78 1.51 -18.40
C ASN A 101 -1.84 1.97 -17.41
N ALA A 102 -1.74 1.49 -16.17
CA ALA A 102 -2.70 1.86 -15.14
C ALA A 102 -2.69 3.39 -14.96
N ALA A 103 -1.50 3.97 -14.81
CA ALA A 103 -1.36 5.41 -14.63
C ALA A 103 -2.00 6.22 -15.76
N ILE A 104 -1.78 5.79 -17.00
CA ILE A 104 -2.35 6.48 -18.16
C ILE A 104 -3.87 6.36 -18.10
N CYS A 105 -4.35 5.14 -17.90
CA CYS A 105 -5.78 4.88 -17.81
C CYS A 105 -6.40 5.83 -16.78
N PHE A 106 -5.79 5.89 -15.60
CA PHE A 106 -6.27 6.77 -14.53
C PHE A 106 -6.40 8.22 -14.99
N SER A 107 -5.37 8.71 -15.66
CA SER A 107 -5.34 10.09 -16.14
C SER A 107 -6.40 10.45 -17.16
N LYS A 108 -6.92 9.45 -17.87
CA LYS A 108 -7.91 9.69 -18.91
C LYS A 108 -9.35 9.36 -18.48
N ALA A 109 -9.50 8.77 -17.30
CA ALA A 109 -10.84 8.40 -16.82
C ALA A 109 -11.46 9.47 -15.92
N PRO A 110 -12.79 9.56 -15.92
CA PRO A 110 -13.45 10.56 -15.07
C PRO A 110 -13.30 10.15 -13.62
N TYR A 111 -13.28 11.11 -12.72
CA TYR A 111 -13.15 10.80 -11.31
C TYR A 111 -14.48 11.03 -10.61
N ASN A 112 -15.10 9.96 -10.13
CA ASN A 112 -16.38 10.05 -9.45
C ASN A 112 -16.22 9.92 -7.95
N LYS A 113 -16.27 11.07 -7.26
CA LYS A 113 -16.11 11.16 -5.81
C LYS A 113 -17.02 10.22 -5.02
N GLU A 114 -18.20 9.92 -5.54
CA GLU A 114 -19.14 9.05 -4.85
C GLU A 114 -18.76 7.57 -4.92
N HIS A 115 -17.69 7.27 -5.65
CA HIS A 115 -17.23 5.88 -5.77
C HIS A 115 -16.02 5.64 -4.88
N LYS A 116 -15.62 6.67 -4.15
CA LYS A 116 -14.50 6.61 -3.24
C LYS A 116 -14.98 5.97 -1.93
N ASN A 117 -14.13 5.17 -1.29
CA ASN A 117 -14.50 4.50 -0.05
C ASN A 117 -15.86 3.82 -0.21
N LEU A 118 -15.97 2.95 -1.22
CA LEU A 118 -17.22 2.24 -1.47
C LEU A 118 -17.39 1.09 -0.50
N ASP A 119 -18.64 0.81 -0.14
CA ASP A 119 -18.96 -0.30 0.75
C ASP A 119 -18.96 -1.54 -0.15
N THR A 120 -17.77 -2.12 -0.32
CA THR A 120 -17.58 -3.29 -1.19
C THR A 120 -18.39 -4.53 -0.82
N LYS A 121 -18.77 -4.66 0.45
CA LYS A 121 -19.55 -5.81 0.86
C LYS A 121 -20.98 -5.67 0.39
N LYS A 122 -21.38 -4.45 0.06
CA LYS A 122 -22.74 -4.22 -0.40
C LYS A 122 -22.77 -4.00 -1.92
N TYR A 123 -21.76 -3.33 -2.45
CA TYR A 123 -21.72 -3.01 -3.88
C TYR A 123 -20.68 -3.74 -4.73
N CYS A 124 -19.97 -4.71 -4.16
CA CYS A 124 -18.97 -5.42 -4.94
C CYS A 124 -19.09 -6.94 -4.82
N LYS A 125 -20.31 -7.44 -4.77
CA LYS A 125 -20.56 -8.87 -4.68
C LYS A 125 -20.38 -9.51 -6.05
N GLY A 126 -20.13 -10.81 -6.08
CA GLY A 126 -19.94 -11.49 -7.34
C GLY A 126 -18.51 -11.35 -7.83
N GLU A 127 -18.26 -11.83 -9.04
CA GLU A 127 -16.92 -11.74 -9.63
C GLU A 127 -16.96 -11.50 -11.12
N SER A 128 -16.26 -10.45 -11.55
CA SER A 128 -16.19 -10.06 -12.94
C SER A 128 -15.28 -11.00 -13.71
N ASP A 129 -15.81 -11.61 -14.77
CA ASP A 129 -15.03 -12.53 -15.59
C ASP A 129 -14.42 -11.70 -16.71
N LYS A 130 -13.49 -10.83 -16.35
CA LYS A 130 -12.82 -9.97 -17.31
C LYS A 130 -11.32 -10.06 -17.13
N CYS A 131 -10.60 -9.89 -18.24
CA CYS A 131 -9.14 -9.94 -18.28
C CYS A 131 -8.48 -11.09 -17.52
N ALA B 1 -6.67 5.04 7.65
CA ALA B 1 -6.46 4.58 6.24
C ALA B 1 -4.99 4.67 5.83
N LEU B 2 -4.64 3.99 4.76
CA LEU B 2 -3.26 3.98 4.28
C LEU B 2 -2.66 5.36 4.02
N TRP B 3 -3.40 6.23 3.34
CA TRP B 3 -2.84 7.56 3.07
C TRP B 3 -2.58 8.33 4.37
N GLN B 4 -3.37 8.05 5.39
CA GLN B 4 -3.19 8.74 6.67
C GLN B 4 -1.96 8.20 7.41
N PHE B 5 -1.71 6.90 7.28
CA PHE B 5 -0.55 6.31 7.94
C PHE B 5 0.69 6.95 7.30
N ARG B 6 0.66 7.14 5.99
CA ARG B 6 1.77 7.77 5.30
C ARG B 6 1.95 9.19 5.83
N SER B 7 0.82 9.85 6.08
CA SER B 7 0.84 11.20 6.61
C SER B 7 1.33 11.24 8.05
N LEU B 8 0.92 10.29 8.89
CA LEU B 8 1.38 10.30 10.27
C LEU B 8 2.89 10.12 10.31
N ILE B 9 3.40 9.27 9.42
CA ILE B 9 4.83 9.01 9.34
C ILE B 9 5.62 10.25 8.95
N LYS B 10 5.11 11.03 8.00
CA LYS B 10 5.80 12.23 7.60
C LYS B 10 5.65 13.30 8.68
N CYS B 11 4.64 13.15 9.53
CA CYS B 11 4.46 14.10 10.62
C CYS B 11 5.60 13.85 11.61
N ALA B 12 5.74 12.59 12.01
CA ALA B 12 6.78 12.20 12.96
C ALA B 12 8.17 12.34 12.36
N ILE B 13 8.29 12.13 11.05
CA ILE B 13 9.59 12.22 10.41
C ILE B 13 9.64 13.13 9.18
N PRO B 14 9.87 14.43 9.41
CA PRO B 14 9.93 15.39 8.30
C PRO B 14 10.94 14.91 7.27
N GLY B 15 10.60 15.01 5.99
CA GLY B 15 11.54 14.59 4.97
C GLY B 15 11.48 13.13 4.58
N SER B 16 10.69 12.35 5.30
CA SER B 16 10.57 10.93 4.98
C SER B 16 9.67 10.73 3.76
N HIS B 17 9.92 9.63 3.07
CA HIS B 17 9.14 9.22 1.91
C HIS B 17 8.76 7.81 2.30
N PRO B 18 7.68 7.65 3.10
CA PRO B 18 7.16 6.39 3.60
C PRO B 18 7.17 5.15 2.70
N LEU B 19 6.54 5.22 1.54
CA LEU B 19 6.52 4.05 0.66
C LEU B 19 7.93 3.61 0.28
N LEU B 20 8.78 4.56 -0.06
CA LEU B 20 10.15 4.25 -0.45
C LEU B 20 11.01 3.81 0.74
N ASP B 21 10.88 4.53 1.85
CA ASP B 21 11.67 4.26 3.04
C ASP B 21 11.22 3.11 3.94
N PHE B 22 9.91 2.94 4.14
CA PHE B 22 9.43 1.91 5.04
C PHE B 22 8.69 0.72 4.46
N ASN B 23 8.23 0.83 3.22
CA ASN B 23 7.55 -0.31 2.61
C ASN B 23 8.67 -1.23 2.17
N ASN B 24 8.47 -2.53 2.31
CA ASN B 24 9.47 -3.50 1.90
C ASN B 24 10.83 -3.24 2.55
N TYR B 25 10.82 -3.24 3.88
CA TYR B 25 12.03 -3.05 4.67
C TYR B 25 12.02 -4.17 5.71
N GLY B 26 13.16 -4.82 5.89
CA GLY B 26 13.23 -5.89 6.87
C GLY B 26 12.26 -7.02 6.59
N CYS B 27 11.86 -7.74 7.65
CA CYS B 27 10.94 -8.86 7.51
C CYS B 27 9.47 -8.53 7.72
N TYR B 28 9.18 -7.43 8.42
CA TYR B 28 7.80 -7.06 8.70
C TYR B 28 7.24 -5.78 8.07
N CYS B 29 8.11 -4.85 7.69
CA CYS B 29 7.64 -3.61 7.10
C CYS B 29 7.18 -3.88 5.67
N GLY B 30 5.85 -3.98 5.52
CA GLY B 30 5.27 -4.26 4.22
C GLY B 30 4.07 -5.18 4.44
N LEU B 31 3.38 -5.56 3.36
CA LEU B 31 2.24 -6.46 3.52
C LEU B 31 2.73 -7.79 4.05
N GLY B 32 2.06 -8.30 5.09
CA GLY B 32 2.47 -9.57 5.66
C GLY B 32 3.76 -9.43 6.44
N GLY B 33 4.37 -10.57 6.76
CA GLY B 33 5.61 -10.56 7.51
C GLY B 33 5.86 -11.93 8.10
N SER B 34 7.12 -12.23 8.40
CA SER B 34 7.49 -13.52 8.96
C SER B 34 8.90 -13.48 9.48
N GLY B 35 9.32 -14.58 10.11
CA GLY B 35 10.67 -14.66 10.64
C GLY B 35 10.91 -13.74 11.81
N THR B 36 12.17 -13.54 12.15
CA THR B 36 12.56 -12.67 13.26
C THR B 36 12.89 -11.29 12.72
N PRO B 37 12.35 -10.24 13.36
CA PRO B 37 12.64 -8.88 12.89
C PRO B 37 14.16 -8.69 12.87
N VAL B 38 14.68 -8.07 11.82
CA VAL B 38 16.11 -7.88 11.66
C VAL B 38 16.74 -6.73 12.46
N ASP B 39 15.91 -5.87 13.02
CA ASP B 39 16.40 -4.75 13.80
C ASP B 39 15.26 -4.04 14.51
N GLU B 40 15.59 -2.97 15.23
CA GLU B 40 14.59 -2.20 15.98
C GLU B 40 13.46 -1.69 15.09
N LEU B 41 13.80 -1.10 13.95
CA LEU B 41 12.78 -0.58 13.04
C LEU B 41 11.83 -1.70 12.58
N ASP B 42 12.41 -2.86 12.26
CA ASP B 42 11.62 -4.01 11.82
C ASP B 42 10.71 -4.48 12.94
N ARG B 43 11.17 -4.35 14.18
CA ARG B 43 10.33 -4.74 15.31
C ARG B 43 9.16 -3.79 15.42
N CYS B 44 9.38 -2.53 15.03
CA CYS B 44 8.31 -1.53 15.06
C CYS B 44 7.19 -1.98 14.13
N CYS B 45 7.56 -2.56 12.98
CA CYS B 45 6.59 -3.03 12.00
C CYS B 45 5.89 -4.31 12.44
N GLU B 46 6.61 -5.20 13.11
CA GLU B 46 6.00 -6.43 13.60
C GLU B 46 4.92 -6.04 14.60
N THR B 47 5.23 -5.07 15.45
CA THR B 47 4.29 -4.59 16.46
C THR B 47 3.06 -4.00 15.78
N HIS B 48 3.27 -3.23 14.72
CA HIS B 48 2.14 -2.63 14.00
C HIS B 48 1.27 -3.72 13.38
N ASP B 49 1.90 -4.78 12.87
CA ASP B 49 1.19 -5.91 12.27
C ASP B 49 0.29 -6.57 13.33
N CYS B 50 0.84 -6.76 14.52
CA CYS B 50 0.09 -7.37 15.61
C CYS B 50 -1.07 -6.45 16.00
N CYS B 51 -0.80 -5.16 16.01
CA CYS B 51 -1.81 -4.19 16.38
C CYS B 51 -3.00 -4.28 15.41
N TYR B 52 -2.71 -4.39 14.12
CA TYR B 52 -3.76 -4.49 13.10
C TYR B 52 -4.53 -5.81 13.23
N ARG B 53 -3.82 -6.87 13.64
CA ARG B 53 -4.42 -8.17 13.85
C ARG B 53 -5.46 -8.06 14.97
N ASP B 54 -5.10 -7.30 16.01
CA ASP B 54 -5.98 -7.08 17.15
C ASP B 54 -7.17 -6.20 16.75
N ALA B 55 -6.89 -5.17 15.97
CA ALA B 55 -7.92 -4.25 15.51
C ALA B 55 -9.05 -4.99 14.82
N LYS B 56 -8.72 -6.04 14.06
CA LYS B 56 -9.73 -6.82 13.35
C LYS B 56 -10.66 -7.54 14.31
N ASN B 57 -10.10 -8.12 15.35
CA ASN B 57 -10.88 -8.87 16.34
C ASN B 57 -11.63 -7.97 17.31
N LEU B 58 -11.52 -6.66 17.13
CA LEU B 58 -12.20 -5.72 18.02
C LEU B 58 -13.69 -5.69 17.66
N ASP B 59 -14.55 -5.73 18.67
CA ASP B 59 -15.99 -5.72 18.48
C ASP B 59 -16.49 -4.58 17.60
N SER B 60 -15.86 -3.41 17.75
CA SER B 60 -16.24 -2.25 16.98
C SER B 60 -15.78 -2.32 15.53
N CYS B 61 -14.77 -3.14 15.27
CA CYS B 61 -14.24 -3.30 13.91
C CYS B 61 -14.73 -4.56 13.20
N LYS B 62 -14.89 -5.64 13.95
CA LYS B 62 -15.30 -6.96 13.44
C LYS B 62 -15.82 -7.10 12.01
N PHE B 63 -17.05 -6.68 11.75
CA PHE B 63 -17.60 -6.83 10.41
C PHE B 63 -17.61 -5.54 9.58
N LEU B 64 -17.40 -4.41 10.25
CA LEU B 64 -17.39 -3.13 9.55
C LEU B 64 -16.06 -2.90 8.84
N VAL B 65 -14.97 -3.28 9.50
CA VAL B 65 -13.64 -3.08 8.94
C VAL B 65 -12.82 -4.36 8.80
N ASP B 66 -12.79 -4.92 7.60
CA ASP B 66 -12.01 -6.12 7.33
C ASP B 66 -10.55 -5.77 7.10
N ASN B 67 -10.33 -4.59 6.50
CA ASN B 67 -8.99 -4.10 6.23
C ASN B 67 -8.84 -2.71 6.85
N PRO B 68 -8.06 -2.61 7.94
CA PRO B 68 -7.83 -1.35 8.64
C PRO B 68 -7.28 -0.24 7.75
N TYR B 69 -6.72 -0.59 6.61
CA TYR B 69 -6.15 0.40 5.72
C TYR B 69 -7.16 1.17 4.88
N THR B 70 -8.42 0.76 4.95
CA THR B 70 -9.47 1.44 4.20
C THR B 70 -10.37 2.17 5.19
N GLU B 71 -10.02 2.08 6.47
CA GLU B 71 -10.79 2.73 7.52
C GLU B 71 -10.15 4.06 7.87
N SER B 72 -10.84 5.15 7.57
CA SER B 72 -10.32 6.48 7.86
C SER B 72 -10.60 6.88 9.31
N TYR B 73 -9.67 7.60 9.91
CA TYR B 73 -9.83 8.06 11.27
C TYR B 73 -9.51 9.55 11.32
N SER B 74 -9.76 10.17 12.47
CA SER B 74 -9.49 11.58 12.63
C SER B 74 -8.22 11.80 13.43
N TYR B 75 -7.34 12.64 12.90
CA TYR B 75 -6.08 12.94 13.56
C TYR B 75 -5.64 14.34 13.17
N SER B 76 -4.59 14.83 13.82
CA SER B 76 -4.04 16.14 13.50
C SER B 76 -2.55 16.03 13.78
N CYS B 77 -1.76 16.83 13.07
CA CYS B 77 -0.32 16.85 13.23
C CYS B 77 0.17 18.25 13.56
N SER B 78 0.99 18.38 14.59
CA SER B 78 1.53 19.68 15.00
C SER B 78 2.95 19.56 15.52
N ASN B 79 3.89 20.24 14.87
CA ASN B 79 5.29 20.18 15.28
C ASN B 79 5.73 18.74 15.52
N THR B 80 5.49 17.90 14.52
CA THR B 80 5.81 16.47 14.55
C THR B 80 5.09 15.68 15.64
N GLU B 81 4.06 16.29 16.23
CA GLU B 81 3.27 15.61 17.26
C GLU B 81 1.97 15.09 16.65
N ILE B 82 1.71 13.80 16.84
CA ILE B 82 0.50 13.16 16.31
C ILE B 82 -0.60 13.09 17.37
N THR B 83 -1.82 13.45 16.99
CA THR B 83 -2.96 13.39 17.90
C THR B 83 -4.12 12.65 17.25
N CYS B 84 -4.62 11.63 17.93
CA CYS B 84 -5.78 10.89 17.44
C CYS B 84 -6.97 11.54 18.13
N ASN B 85 -7.77 12.26 17.36
CA ASN B 85 -8.92 12.98 17.89
C ASN B 85 -9.95 12.11 18.61
N SER B 86 -10.52 12.67 19.68
CA SER B 86 -11.50 11.94 20.48
C SER B 86 -12.79 11.59 19.75
N LYS B 87 -13.09 12.30 18.67
CA LYS B 87 -14.31 12.03 17.91
C LYS B 87 -14.29 10.62 17.30
N ASN B 88 -13.11 10.04 17.18
CA ASN B 88 -12.98 8.68 16.62
C ASN B 88 -13.82 7.70 17.43
N ASN B 89 -14.46 6.76 16.76
CA ASN B 89 -15.23 5.75 17.46
C ASN B 89 -14.19 4.72 17.91
N ALA B 90 -14.65 3.67 18.60
CA ALA B 90 -13.73 2.65 19.11
C ALA B 90 -12.83 2.01 18.07
N CYS B 91 -13.42 1.62 16.94
CA CYS B 91 -12.64 0.98 15.89
C CYS B 91 -11.65 1.95 15.22
N GLU B 92 -12.10 3.18 14.95
CA GLU B 92 -11.25 4.18 14.32
C GLU B 92 -10.11 4.60 15.24
N ALA B 93 -10.42 4.76 16.52
CA ALA B 93 -9.43 5.14 17.52
C ALA B 93 -8.33 4.10 17.66
N PHE B 94 -8.70 2.83 17.67
CA PHE B 94 -7.72 1.77 17.83
C PHE B 94 -6.72 1.79 16.67
N ILE B 95 -7.25 1.92 15.45
CA ILE B 95 -6.41 1.94 14.27
C ILE B 95 -5.47 3.14 14.26
N CYS B 96 -6.01 4.33 14.55
CA CYS B 96 -5.20 5.53 14.59
C CYS B 96 -4.05 5.32 15.55
N ASN B 97 -4.34 4.82 16.74
CA ASN B 97 -3.27 4.61 17.70
C ASN B 97 -2.21 3.62 17.20
N CYS B 98 -2.64 2.56 16.51
CA CYS B 98 -1.70 1.59 15.96
C CYS B 98 -0.73 2.34 15.04
N ASP B 99 -1.30 3.17 14.16
CA ASP B 99 -0.52 3.96 13.22
C ASP B 99 0.37 4.97 13.92
N ARG B 100 -0.18 5.66 14.93
CA ARG B 100 0.55 6.67 15.68
C ARG B 100 1.77 6.08 16.40
N ASN B 101 1.57 4.94 17.06
CA ASN B 101 2.67 4.30 17.76
C ASN B 101 3.76 3.87 16.77
N ALA B 102 3.35 3.32 15.63
CA ALA B 102 4.31 2.90 14.63
C ALA B 102 5.11 4.09 14.12
N ALA B 103 4.41 5.19 13.82
CA ALA B 103 5.07 6.41 13.33
C ALA B 103 6.12 6.91 14.32
N ILE B 104 5.79 6.88 15.61
CA ILE B 104 6.71 7.34 16.64
C ILE B 104 7.90 6.37 16.73
N CYS B 105 7.60 5.08 16.80
CA CYS B 105 8.63 4.04 16.88
C CYS B 105 9.62 4.23 15.73
N PHE B 106 9.09 4.40 14.52
CA PHE B 106 9.91 4.59 13.32
C PHE B 106 10.87 5.76 13.48
N SER B 107 10.35 6.88 13.97
CA SER B 107 11.15 8.10 14.14
C SER B 107 12.30 7.98 15.14
N LYS B 108 12.18 7.06 16.10
CA LYS B 108 13.20 6.89 17.12
C LYS B 108 14.13 5.70 16.88
N ALA B 109 13.88 4.93 15.84
CA ALA B 109 14.70 3.75 15.56
C ALA B 109 15.77 4.01 14.50
N PRO B 110 16.91 3.32 14.60
CA PRO B 110 17.96 3.52 13.59
C PRO B 110 17.50 2.99 12.24
N TYR B 111 18.00 3.60 11.16
CA TYR B 111 17.63 3.16 9.83
C TYR B 111 18.85 2.52 9.18
N ASN B 112 18.73 1.24 8.85
CA ASN B 112 19.82 0.49 8.24
C ASN B 112 19.52 0.16 6.77
N LYS B 113 20.16 0.89 5.86
CA LYS B 113 19.97 0.70 4.42
C LYS B 113 20.12 -0.75 3.98
N GLU B 114 21.01 -1.48 4.63
CA GLU B 114 21.25 -2.88 4.30
C GLU B 114 20.03 -3.78 4.51
N HIS B 115 19.05 -3.29 5.27
CA HIS B 115 17.85 -4.08 5.55
C HIS B 115 16.68 -3.71 4.65
N LYS B 116 16.91 -2.79 3.73
CA LYS B 116 15.88 -2.36 2.80
C LYS B 116 15.78 -3.40 1.67
N ASN B 117 14.56 -3.67 1.23
CA ASN B 117 14.33 -4.66 0.17
C ASN B 117 15.07 -5.97 0.44
N LEU B 118 14.88 -6.51 1.64
CA LEU B 118 15.52 -7.77 2.04
C LEU B 118 14.92 -8.96 1.31
N ASP B 119 15.76 -9.99 1.09
CA ASP B 119 15.30 -11.21 0.45
C ASP B 119 14.62 -11.99 1.57
N THR B 120 13.33 -11.72 1.75
CA THR B 120 12.53 -12.33 2.81
C THR B 120 12.48 -13.86 2.78
N LYS B 121 12.53 -14.44 1.59
CA LYS B 121 12.50 -15.89 1.48
C LYS B 121 13.78 -16.51 2.01
N LYS B 122 14.84 -15.71 2.08
CA LYS B 122 16.12 -16.19 2.59
C LYS B 122 16.38 -15.82 4.03
N TYR B 123 16.01 -14.59 4.42
CA TYR B 123 16.26 -14.12 5.78
C TYR B 123 15.05 -13.95 6.69
N CYS B 124 13.88 -14.37 6.24
CA CYS B 124 12.70 -14.22 7.06
C CYS B 124 11.91 -15.52 7.24
N LYS B 125 12.63 -16.63 7.39
CA LYS B 125 12.00 -17.93 7.58
C LYS B 125 11.60 -18.07 9.06
N GLY B 126 10.61 -18.92 9.32
CA GLY B 126 10.16 -19.11 10.69
C GLY B 126 9.17 -18.04 11.07
N GLU B 127 8.70 -18.07 12.32
CA GLU B 127 7.75 -17.08 12.78
C GLU B 127 8.03 -16.63 14.20
N SER B 128 8.08 -15.31 14.37
CA SER B 128 8.34 -14.71 15.67
C SER B 128 7.07 -14.81 16.51
N ASP B 129 7.20 -15.30 17.73
CA ASP B 129 6.05 -15.41 18.61
C ASP B 129 6.05 -14.20 19.52
N LYS B 130 5.90 -13.03 18.91
CA LYS B 130 5.87 -11.78 19.66
C LYS B 130 4.55 -11.06 19.45
N CYS B 131 4.13 -10.33 20.47
CA CYS B 131 2.89 -9.56 20.44
C CYS B 131 1.68 -10.28 19.86
#